data_8HAQ
#
_entry.id   8HAQ
#
_cell.length_a   41.830
_cell.length_b   62.580
_cell.length_c   74.260
_cell.angle_alpha   79.30
_cell.angle_beta   87.98
_cell.angle_gamma   89.73
#
_symmetry.space_group_name_H-M   'P 1'
#
loop_
_entity.id
_entity.type
_entity.pdbx_description
1 polymer 'Isoform 2 of Proto-oncogene tyrosine-protein kinase Src'
2 non-polymer 4-[(~{E})-(7-oxidanyl-6~{H}-pyrrolo[2,3-g][1,3]benzothiazol-8-yl)methylideneamino]-~{N}-pyridin-2-yl-benzenesulfonamide
3 water water
#
_entity_poly.entity_id   1
_entity_poly.type   'polypeptide(L)'
_entity_poly.pdbx_seq_one_letter_code
;KDAWEIPRESLRLEVKLGQGCFGEVWMGTWNGTTRVAIKTLKPGTMSPEAFLQEAQVMKKLRHEKLVQLYAVVSEEPIYI
VTEYMSKGSLLDFLKGETGKYLRLPQLVDMAAQIASGMAYVERMNYVHRDLRAANILVGENLVCKVADFGLARLIEDNEY
TARQGAKFPIKWTAPEAALYGRFTIKSDVWSFGILLTELTTKGRVPYPGMVNREVLDQVERGYRMPCPPECPESLHDLMC
QCWRKEPEERPTFEYLQAFLEDYFTSTEPQYQPGENL
;
_entity_poly.pdbx_strand_id   A,B
#
loop_
_chem_comp.id
_chem_comp.type
_chem_comp.name
_chem_comp.formula
L1N non-polymer 4-[(~{E})-(7-oxidanyl-6~{H}-pyrrolo[2,3-g][1,3]benzothiazol-8-yl)methylideneamino]-~{N}-pyridin-2-yl-benzenesulfonamide 'C21 H15 N5 O3 S2'
#
# COMPACT_ATOMS: atom_id res chain seq x y z
N LYS A 1 1.59 42.04 14.70
CA LYS A 1 1.88 41.00 13.71
C LYS A 1 2.57 39.81 14.36
N ASP A 2 3.15 38.95 13.54
CA ASP A 2 3.81 37.76 14.07
C ASP A 2 5.17 37.54 13.44
N ALA A 3 5.86 36.51 13.87
CA ALA A 3 7.21 36.26 13.38
C ALA A 3 7.26 35.85 11.92
N TRP A 4 6.11 35.73 11.28
CA TRP A 4 6.07 35.37 9.87
C TRP A 4 6.16 36.60 8.97
N GLU A 5 6.04 37.79 9.54
CA GLU A 5 6.06 39.01 8.74
C GLU A 5 7.45 39.42 8.36
N ILE A 6 7.63 39.88 7.11
CA ILE A 6 8.93 40.33 6.66
C ILE A 6 8.76 41.67 5.96
N PRO A 7 9.87 42.33 5.61
CA PRO A 7 9.67 43.57 4.86
C PRO A 7 9.54 43.29 3.37
N ARG A 8 8.64 44.01 2.70
CA ARG A 8 8.45 43.82 1.28
C ARG A 8 9.73 44.09 0.55
N GLU A 9 10.52 45.00 1.08
CA GLU A 9 11.77 45.36 0.46
C GLU A 9 12.70 44.17 0.40
N SER A 10 12.52 43.23 1.31
CA SER A 10 13.37 42.05 1.35
C SER A 10 13.02 41.09 0.23
N LEU A 11 11.96 41.40 -0.51
CA LEU A 11 11.52 40.53 -1.59
C LEU A 11 11.78 41.12 -2.96
N ARG A 12 12.10 40.27 -3.93
CA ARG A 12 12.32 40.75 -5.29
C ARG A 12 11.53 39.93 -6.30
N LEU A 13 10.37 40.43 -6.69
CA LEU A 13 9.56 39.74 -7.69
C LEU A 13 10.18 39.92 -9.07
N GLU A 14 10.44 38.81 -9.75
CA GLU A 14 11.08 38.90 -11.05
C GLU A 14 10.18 38.46 -12.18
N VAL A 15 9.83 37.18 -12.23
CA VAL A 15 9.01 36.67 -13.32
C VAL A 15 7.60 36.34 -12.88
N LYS A 16 6.61 36.63 -13.72
CA LYS A 16 5.25 36.27 -13.42
C LYS A 16 4.98 34.87 -13.93
N LEU A 17 4.44 34.01 -13.09
CA LEU A 17 4.22 32.62 -13.49
C LEU A 17 2.75 32.22 -13.52
N GLY A 18 1.89 33.04 -12.95
CA GLY A 18 0.50 32.65 -12.87
C GLY A 18 -0.54 33.74 -13.00
N GLN A 19 -1.46 33.56 -13.94
CA GLN A 19 -2.55 34.52 -14.10
C GLN A 19 -3.67 34.01 -13.37
N GLY A 20 -4.03 34.70 -12.31
CA GLY A 20 -5.08 34.19 -11.47
C GLY A 20 -6.21 35.14 -11.22
N CYS A 21 -7.21 34.65 -10.47
CA CYS A 21 -8.34 35.49 -10.13
C CYS A 21 -8.13 35.93 -8.73
N PHE A 22 -8.43 37.19 -8.47
CA PHE A 22 -8.21 37.74 -7.14
C PHE A 22 -6.75 37.56 -6.79
N GLY A 23 -5.87 37.69 -7.78
CA GLY A 23 -4.46 37.60 -7.51
C GLY A 23 -3.56 37.05 -8.59
N GLU A 24 -2.30 36.84 -8.25
CA GLU A 24 -1.33 36.30 -9.20
C GLU A 24 -0.14 35.75 -8.43
N VAL A 25 0.65 34.94 -9.11
CA VAL A 25 1.81 34.27 -8.53
C VAL A 25 3.06 34.76 -9.23
N TRP A 26 4.08 35.06 -8.46
CA TRP A 26 5.34 35.53 -9.03
C TRP A 26 6.52 34.76 -8.52
N MET A 27 7.57 34.67 -9.31
CA MET A 27 8.78 34.03 -8.82
C MET A 27 9.70 35.16 -8.37
N GLY A 28 10.67 34.84 -7.53
CA GLY A 28 11.58 35.86 -7.05
C GLY A 28 12.70 35.41 -6.16
N THR A 29 13.38 36.37 -5.57
CA THR A 29 14.50 36.06 -4.68
C THR A 29 14.26 36.73 -3.34
N TRP A 30 14.60 36.01 -2.28
CA TRP A 30 14.35 36.45 -0.92
C TRP A 30 15.67 36.64 -0.19
N ASN A 31 15.81 37.77 0.50
CA ASN A 31 17.05 38.09 1.20
C ASN A 31 18.26 37.96 0.28
N GLY A 32 18.03 38.14 -1.02
CA GLY A 32 19.06 38.06 -2.04
C GLY A 32 19.61 36.68 -2.35
N THR A 33 19.33 35.68 -1.53
CA THR A 33 19.94 34.36 -1.68
C THR A 33 18.94 33.24 -1.94
N THR A 34 17.66 33.40 -1.58
CA THR A 34 16.67 32.34 -1.64
C THR A 34 15.72 32.58 -2.81
N ARG A 35 15.56 31.58 -3.67
CA ARG A 35 14.52 31.60 -4.69
C ARG A 35 13.19 31.23 -4.05
N VAL A 36 12.17 32.05 -4.28
CA VAL A 36 10.88 31.86 -3.63
C VAL A 36 9.77 32.08 -4.64
N ALA A 37 8.56 31.74 -4.23
CA ALA A 37 7.34 32.05 -4.95
C ALA A 37 6.53 33.04 -4.13
N ILE A 38 5.99 34.05 -4.80
CA ILE A 38 5.21 35.09 -4.14
C ILE A 38 3.81 35.10 -4.76
N LYS A 39 2.79 34.91 -3.93
CA LYS A 39 1.41 34.98 -4.37
C LYS A 39 0.82 36.30 -3.89
N THR A 40 0.42 37.13 -4.84
CA THR A 40 -0.17 38.43 -4.56
C THR A 40 -1.68 38.31 -4.65
N LEU A 41 -2.39 39.04 -3.80
CA LEU A 41 -3.85 39.00 -3.78
C LEU A 41 -4.39 40.40 -4.07
N LYS A 42 -5.54 40.42 -4.77
CA LYS A 42 -6.11 41.69 -5.20
C LYS A 42 -7.11 42.21 -4.18
N PRO A 43 -7.16 43.53 -3.96
CA PRO A 43 -8.10 44.18 -3.04
C PRO A 43 -9.49 43.54 -3.02
N ALA A 55 -7.54 33.67 8.10
CA ALA A 55 -6.38 33.28 8.88
C ALA A 55 -5.56 32.24 8.14
N GLN A 56 -4.40 31.88 8.67
CA GLN A 56 -3.53 30.94 7.96
C GLN A 56 -3.39 29.57 8.60
N VAL A 57 -3.81 28.55 7.87
CA VAL A 57 -3.65 27.20 8.35
C VAL A 57 -2.29 26.79 7.86
N MET A 58 -1.72 27.61 7.00
CA MET A 58 -0.42 27.29 6.42
C MET A 58 0.70 27.59 7.39
N LYS A 59 0.37 28.27 8.48
CA LYS A 59 1.39 28.57 9.50
C LYS A 59 1.50 27.43 10.50
N LYS A 60 0.40 26.74 10.74
CA LYS A 60 0.41 25.63 11.68
C LYS A 60 0.82 24.31 11.04
N LEU A 61 0.92 24.26 9.73
CA LEU A 61 1.23 22.98 9.07
C LEU A 61 2.63 22.93 8.49
N ARG A 62 3.36 21.88 8.80
CA ARG A 62 4.71 21.72 8.28
C ARG A 62 5.02 20.25 7.96
N HIS A 63 5.37 19.96 6.72
CA HIS A 63 5.66 18.60 6.30
C HIS A 63 6.36 18.62 4.95
N GLU A 64 7.15 17.60 4.66
CA GLU A 64 7.93 17.57 3.42
C GLU A 64 7.07 17.50 2.18
N LYS A 65 5.84 17.03 2.34
CA LYS A 65 4.94 16.88 1.21
C LYS A 65 3.87 17.96 1.13
N LEU A 66 4.01 19.02 1.91
CA LEU A 66 3.14 20.20 1.82
C LEU A 66 4.02 21.38 1.47
N VAL A 67 3.57 22.21 0.53
CA VAL A 67 4.35 23.36 0.10
C VAL A 67 4.60 24.25 1.30
N GLN A 68 5.86 24.64 1.49
CA GLN A 68 6.28 25.33 2.72
C GLN A 68 6.08 26.84 2.65
N LEU A 69 5.50 27.41 3.69
CA LEU A 69 5.37 28.85 3.78
C LEU A 69 6.68 29.38 4.29
N TYR A 70 7.11 30.52 3.79
CA TYR A 70 8.38 31.09 4.20
C TYR A 70 8.16 32.38 4.98
N ALA A 71 7.29 33.24 4.47
CA ALA A 71 7.01 34.50 5.13
C ALA A 71 5.78 35.14 4.52
N VAL A 72 5.33 36.25 5.10
CA VAL A 72 4.14 36.92 4.60
C VAL A 72 4.09 38.43 4.83
N VAL A 73 3.68 39.18 3.82
CA VAL A 73 3.49 40.61 4.01
C VAL A 73 2.02 40.78 4.23
N SER A 74 1.63 41.19 5.42
CA SER A 74 0.22 41.27 5.75
C SER A 74 -0.35 42.65 5.48
N GLU A 75 0.38 43.45 4.71
CA GLU A 75 -0.09 44.79 4.41
C GLU A 75 -0.31 44.93 2.92
N GLU A 76 -1.57 45.05 2.53
CA GLU A 76 -1.91 45.15 1.11
C GLU A 76 -1.12 46.26 0.44
N PRO A 77 -0.37 45.92 -0.62
CA PRO A 77 -0.51 44.66 -1.36
C PRO A 77 -0.02 43.47 -0.58
N ILE A 78 -0.82 42.42 -0.49
CA ILE A 78 -0.45 41.27 0.33
C ILE A 78 0.40 40.27 -0.42
N TYR A 79 1.49 39.85 0.20
CA TYR A 79 2.37 38.89 -0.44
C TYR A 79 2.53 37.65 0.44
N ILE A 80 2.35 36.46 -0.13
CA ILE A 80 2.54 35.23 0.62
C ILE A 80 3.72 34.53 -0.01
N VAL A 81 4.80 34.37 0.76
CA VAL A 81 6.06 33.85 0.24
C VAL A 81 6.16 32.39 0.63
N THR A 82 6.37 31.53 -0.36
CA THR A 82 6.39 30.10 -0.18
C THR A 82 7.60 29.52 -0.90
N GLU A 83 7.86 28.23 -0.68
CA GLU A 83 8.92 27.57 -1.42
C GLU A 83 8.56 27.45 -2.89
N TYR A 84 9.57 27.42 -3.74
CA TYR A 84 9.40 27.42 -5.18
C TYR A 84 9.32 26.00 -5.72
N MET A 85 8.25 25.69 -6.44
CA MET A 85 8.09 24.39 -7.10
C MET A 85 8.32 24.58 -8.60
N SER A 86 9.39 23.98 -9.11
CA SER A 86 9.95 24.36 -10.40
C SER A 86 9.16 23.84 -11.60
N LYS A 87 8.25 22.88 -11.42
CA LYS A 87 7.45 22.41 -12.55
C LYS A 87 5.99 22.84 -12.47
N GLY A 88 5.64 23.70 -11.51
CA GLY A 88 4.27 24.15 -11.46
C GLY A 88 3.28 23.06 -11.08
N SER A 89 2.03 23.29 -11.49
CA SER A 89 0.90 22.46 -11.14
C SER A 89 1.00 21.04 -11.69
N LEU A 90 0.53 20.07 -10.90
CA LEU A 90 0.52 18.68 -11.35
C LEU A 90 -0.34 18.51 -12.58
N LEU A 91 -1.45 19.24 -12.65
CA LEU A 91 -2.31 19.17 -13.81
C LEU A 91 -1.57 19.60 -15.06
N ASP A 92 -0.93 20.78 -15.01
CA ASP A 92 -0.08 21.21 -16.13
C ASP A 92 1.03 20.21 -16.42
N PHE A 93 1.67 19.67 -15.37
CA PHE A 93 2.74 18.70 -15.59
C PHE A 93 2.21 17.49 -16.37
N LEU A 94 1.06 16.98 -15.98
CA LEU A 94 0.50 15.80 -16.64
C LEU A 94 0.08 16.10 -18.08
N LYS A 95 -0.42 17.29 -18.36
CA LYS A 95 -0.89 17.64 -19.69
C LYS A 95 0.22 18.21 -20.53
N GLY A 96 1.45 18.11 -20.04
CA GLY A 96 2.58 18.64 -20.74
C GLY A 96 3.37 17.68 -21.59
N GLU A 97 4.56 18.10 -22.01
CA GLU A 97 5.40 17.27 -22.85
C GLU A 97 5.85 16.01 -22.18
N THR A 98 6.09 16.07 -20.88
CA THR A 98 6.63 14.88 -20.23
C THR A 98 5.54 13.92 -19.80
N GLY A 99 4.36 14.43 -19.48
CA GLY A 99 3.31 13.58 -18.97
C GLY A 99 3.11 12.34 -19.80
N LYS A 100 3.29 12.47 -21.11
CA LYS A 100 3.10 11.34 -22.00
C LYS A 100 4.06 10.21 -21.72
N TYR A 101 5.16 10.52 -21.06
CA TYR A 101 6.13 9.50 -20.74
C TYR A 101 5.92 8.92 -19.34
N LEU A 102 5.10 9.56 -18.52
CA LEU A 102 4.78 8.98 -17.22
C LEU A 102 4.10 7.62 -17.38
N ARG A 103 4.59 6.64 -16.65
CA ARG A 103 3.96 5.34 -16.67
C ARG A 103 3.40 5.07 -15.27
N LEU A 104 2.70 3.95 -15.13
CA LEU A 104 2.05 3.65 -13.84
C LEU A 104 2.99 3.76 -12.65
N PRO A 105 4.26 3.34 -12.72
CA PRO A 105 5.11 3.48 -11.52
C PRO A 105 5.31 4.92 -11.08
N GLN A 106 5.49 5.85 -12.02
CA GLN A 106 5.69 7.24 -11.59
C GLN A 106 4.38 7.86 -11.12
N LEU A 107 3.26 7.49 -11.76
CA LEU A 107 1.96 7.99 -11.36
C LEU A 107 1.57 7.47 -9.95
N VAL A 108 1.84 6.20 -9.65
CA VAL A 108 1.53 5.69 -8.31
C VAL A 108 2.39 6.36 -7.25
N ASP A 109 3.68 6.54 -7.55
CA ASP A 109 4.56 7.18 -6.58
C ASP A 109 4.15 8.61 -6.30
N MET A 110 3.70 9.33 -7.33
CA MET A 110 3.13 10.67 -7.14
C MET A 110 1.90 10.60 -6.25
N ALA A 111 1.03 9.62 -6.47
CA ALA A 111 -0.15 9.47 -5.62
C ALA A 111 0.25 9.21 -4.18
N ALA A 112 1.34 8.46 -3.97
CA ALA A 112 1.81 8.14 -2.62
C ALA A 112 2.27 9.39 -1.88
N GLN A 113 2.93 10.30 -2.59
CA GLN A 113 3.41 11.53 -1.97
C GLN A 113 2.24 12.41 -1.58
N ILE A 114 1.21 12.49 -2.44
CA ILE A 114 0.05 13.28 -2.09
C ILE A 114 -0.67 12.64 -0.90
N ALA A 115 -0.84 11.31 -0.92
CA ALA A 115 -1.44 10.60 0.22
C ALA A 115 -0.65 10.85 1.50
N SER A 116 0.68 10.80 1.42
CA SER A 116 1.51 11.05 2.60
C SER A 116 1.37 12.48 3.11
N GLY A 117 1.23 13.46 2.21
CA GLY A 117 0.91 14.80 2.67
C GLY A 117 -0.44 14.86 3.33
N MET A 118 -1.41 14.16 2.76
CA MET A 118 -2.77 14.22 3.27
C MET A 118 -2.88 13.44 4.59
N ALA A 119 -2.10 12.39 4.77
CA ALA A 119 -2.05 11.71 6.06
C ALA A 119 -1.60 12.66 7.16
N TYR A 120 -0.64 13.53 6.86
CA TYR A 120 -0.23 14.50 7.87
C TYR A 120 -1.37 15.44 8.21
N VAL A 121 -2.01 16.02 7.19
CA VAL A 121 -3.20 16.85 7.42
C VAL A 121 -4.21 16.09 8.28
N GLU A 122 -4.36 14.80 8.01
CA GLU A 122 -5.36 13.99 8.68
C GLU A 122 -5.04 13.86 10.17
N ARG A 123 -3.81 13.46 10.48
CA ARG A 123 -3.48 13.30 11.88
C ARG A 123 -3.21 14.63 12.58
N MET A 124 -3.18 15.73 11.84
CA MET A 124 -3.09 17.05 12.48
C MET A 124 -4.52 17.56 12.66
N ASN A 125 -5.50 16.79 12.22
CA ASN A 125 -6.92 17.17 12.35
C ASN A 125 -7.37 18.37 11.54
N TYR A 126 -6.86 18.49 10.32
CA TYR A 126 -7.30 19.56 9.45
C TYR A 126 -7.98 19.00 8.21
N VAL A 127 -8.58 19.86 7.39
CA VAL A 127 -9.23 19.44 6.17
C VAL A 127 -8.83 20.39 5.06
N HIS A 128 -8.49 19.86 3.89
CA HIS A 128 -8.04 20.70 2.78
C HIS A 128 -9.20 21.37 2.08
N ARG A 129 -10.20 20.59 1.69
CA ARG A 129 -11.42 21.13 1.05
C ARG A 129 -11.33 21.34 -0.47
N ASP A 130 -10.14 21.31 -1.03
CA ASP A 130 -10.02 21.43 -2.50
C ASP A 130 -8.85 20.61 -3.04
N LEU A 131 -8.87 19.31 -2.77
CA LEU A 131 -7.81 18.44 -3.25
C LEU A 131 -8.03 18.10 -4.71
N ARG A 132 -7.08 18.46 -5.56
CA ARG A 132 -7.17 18.20 -6.98
C ARG A 132 -5.82 18.44 -7.61
N ALA A 133 -5.57 17.83 -8.75
CA ALA A 133 -4.26 17.94 -9.40
C ALA A 133 -3.85 19.40 -9.58
N ALA A 134 -4.83 20.27 -9.86
CA ALA A 134 -4.53 21.69 -10.03
C ALA A 134 -3.89 22.29 -8.80
N ASN A 135 -4.11 21.70 -7.62
CA ASN A 135 -3.60 22.20 -6.36
C ASN A 135 -2.41 21.40 -5.85
N ILE A 136 -1.94 20.42 -6.61
CA ILE A 136 -0.69 19.74 -6.32
C ILE A 136 0.41 20.40 -7.16
N LEU A 137 1.53 20.69 -6.52
CA LEU A 137 2.67 21.31 -7.17
C LEU A 137 3.77 20.28 -7.34
N VAL A 138 4.45 20.33 -8.49
CA VAL A 138 5.51 19.39 -8.80
C VAL A 138 6.85 20.13 -8.76
N GLY A 139 7.88 19.40 -8.35
CA GLY A 139 9.20 19.96 -8.23
C GLY A 139 10.19 19.12 -8.99
N GLU A 140 11.45 19.24 -8.59
CA GLU A 140 12.47 18.40 -9.17
C GLU A 140 12.25 16.95 -8.76
N ASN A 141 12.69 16.03 -9.63
CA ASN A 141 12.74 14.62 -9.26
C ASN A 141 11.35 14.04 -9.03
N LEU A 142 10.35 14.59 -9.72
CA LEU A 142 8.96 14.17 -9.59
C LEU A 142 8.47 14.30 -8.14
N VAL A 143 9.04 15.23 -7.39
CA VAL A 143 8.50 15.55 -6.08
C VAL A 143 7.18 16.26 -6.25
N CYS A 144 6.18 15.87 -5.46
CA CYS A 144 4.84 16.46 -5.41
C CYS A 144 4.53 16.98 -4.02
N LYS A 145 3.85 18.11 -3.94
CA LYS A 145 3.49 18.64 -2.64
C LYS A 145 2.11 19.24 -2.74
N VAL A 146 1.34 19.09 -1.67
CA VAL A 146 0.00 19.64 -1.63
C VAL A 146 0.06 21.12 -1.33
N ALA A 147 -0.82 21.88 -1.95
CA ALA A 147 -0.84 23.32 -1.76
C ALA A 147 -2.25 23.86 -1.79
N ASP A 148 -2.40 25.17 -1.66
CA ASP A 148 -3.71 25.82 -1.74
C ASP A 148 -4.75 25.19 -0.83
N PHE A 149 -4.49 25.19 0.47
CA PHE A 149 -5.46 24.67 1.40
C PHE A 149 -6.70 25.56 1.46
N PRO A 169 -16.08 23.10 -9.01
CA PRO A 169 -15.23 22.07 -8.42
C PRO A 169 -16.06 20.89 -7.96
N ILE A 170 -17.34 20.87 -8.34
CA ILE A 170 -18.23 19.82 -7.89
C ILE A 170 -17.74 18.44 -8.28
N LYS A 171 -17.06 18.33 -9.41
CA LYS A 171 -16.62 17.02 -9.89
C LYS A 171 -15.57 16.38 -9.00
N TRP A 172 -14.95 17.16 -8.13
CA TRP A 172 -13.97 16.62 -7.20
C TRP A 172 -14.47 16.63 -5.78
N THR A 173 -15.72 16.99 -5.56
CA THR A 173 -16.22 17.17 -4.20
C THR A 173 -17.16 16.02 -3.87
N ALA A 174 -17.04 15.51 -2.64
CA ALA A 174 -17.92 14.43 -2.20
C ALA A 174 -19.37 14.91 -2.18
N PRO A 175 -20.32 14.03 -2.48
CA PRO A 175 -21.73 14.43 -2.41
C PRO A 175 -22.10 15.18 -1.14
N GLU A 176 -21.81 14.61 0.04
CA GLU A 176 -22.25 15.25 1.28
C GLU A 176 -21.62 16.63 1.44
N ALA A 177 -20.46 16.86 0.83
CA ALA A 177 -19.80 18.15 0.95
C ALA A 177 -20.40 19.17 -0.01
N ALA A 178 -20.67 18.74 -1.25
CA ALA A 178 -21.16 19.63 -2.29
C ALA A 178 -22.61 20.00 -2.11
N LEU A 179 -23.38 19.19 -1.39
CA LEU A 179 -24.79 19.44 -1.15
C LEU A 179 -25.04 20.06 0.21
N TYR A 180 -24.35 19.59 1.25
CA TYR A 180 -24.68 19.97 2.62
C TYR A 180 -23.56 20.73 3.32
N GLY A 181 -22.50 21.06 2.58
CA GLY A 181 -21.30 21.66 3.14
C GLY A 181 -20.59 20.84 4.22
N ARG A 182 -20.68 19.51 4.17
CA ARG A 182 -20.04 18.66 5.19
C ARG A 182 -18.65 18.22 4.70
N PHE A 183 -17.69 19.13 4.83
CA PHE A 183 -16.32 18.84 4.46
C PHE A 183 -15.58 18.22 5.64
N THR A 184 -15.16 16.95 5.50
CA THR A 184 -14.27 16.35 6.47
C THR A 184 -13.10 15.73 5.73
N ILE A 185 -12.18 15.15 6.51
CA ILE A 185 -11.04 14.45 5.93
C ILE A 185 -11.54 13.38 4.99
N LYS A 186 -12.76 12.90 5.20
CA LYS A 186 -13.33 11.86 4.36
C LYS A 186 -13.88 12.43 3.07
N SER A 187 -14.25 13.71 3.04
CA SER A 187 -14.53 14.28 1.73
C SER A 187 -13.23 14.51 0.95
N ASP A 188 -12.12 14.83 1.64
CA ASP A 188 -10.82 14.84 0.99
C ASP A 188 -10.46 13.46 0.45
N VAL A 189 -10.83 12.42 1.17
CA VAL A 189 -10.51 11.09 0.65
C VAL A 189 -11.27 10.85 -0.64
N TRP A 190 -12.48 11.40 -0.75
CA TRP A 190 -13.23 11.27 -1.99
C TRP A 190 -12.48 11.94 -3.13
N SER A 191 -12.03 13.17 -2.91
CA SER A 191 -11.33 13.88 -3.97
C SER A 191 -10.04 13.17 -4.32
N PHE A 192 -9.43 12.52 -3.33
CA PHE A 192 -8.22 11.77 -3.60
C PHE A 192 -8.49 10.72 -4.66
N GLY A 193 -9.63 10.03 -4.54
CA GLY A 193 -9.99 9.07 -5.57
C GLY A 193 -10.13 9.71 -6.95
N ILE A 194 -10.77 10.89 -7.04
CA ILE A 194 -10.90 11.55 -8.33
C ILE A 194 -9.51 11.93 -8.85
N LEU A 195 -8.65 12.40 -7.95
CA LEU A 195 -7.27 12.69 -8.30
C LEU A 195 -6.55 11.47 -8.85
N LEU A 196 -6.87 10.28 -8.35
CA LEU A 196 -6.31 9.07 -8.94
C LEU A 196 -6.76 8.88 -10.38
N THR A 197 -8.01 9.24 -10.70
CA THR A 197 -8.43 9.13 -12.08
C THR A 197 -7.73 10.16 -12.96
N GLU A 198 -7.48 11.36 -12.43
CA GLU A 198 -6.68 12.36 -13.12
C GLU A 198 -5.27 11.84 -13.41
N LEU A 199 -4.65 11.17 -12.44
CA LEU A 199 -3.31 10.64 -12.65
C LEU A 199 -3.34 9.51 -13.66
N THR A 200 -4.27 8.57 -13.53
CA THR A 200 -4.24 7.44 -14.45
C THR A 200 -4.73 7.80 -15.85
N THR A 201 -5.38 8.94 -16.05
CA THR A 201 -5.71 9.40 -17.40
C THR A 201 -4.76 10.45 -17.94
N LYS A 202 -3.67 10.75 -17.23
CA LYS A 202 -2.72 11.78 -17.65
C LYS A 202 -3.39 13.15 -17.74
N GLY A 203 -4.27 13.47 -16.80
CA GLY A 203 -4.77 14.82 -16.68
C GLY A 203 -6.17 15.06 -17.19
N ARG A 204 -6.87 14.05 -17.67
CA ARG A 204 -8.21 14.27 -18.19
C ARG A 204 -9.16 14.71 -17.07
N VAL A 205 -10.18 15.46 -17.45
CA VAL A 205 -11.18 15.89 -16.50
C VAL A 205 -12.08 14.73 -16.12
N PRO A 206 -12.49 14.69 -14.86
CA PRO A 206 -13.39 13.62 -14.39
C PRO A 206 -14.76 13.63 -15.05
N TYR A 207 -15.38 12.47 -15.16
CA TYR A 207 -16.72 12.35 -15.74
C TYR A 207 -16.79 12.97 -17.13
N PRO A 208 -16.06 12.39 -18.07
CA PRO A 208 -16.00 12.97 -19.42
C PRO A 208 -17.36 13.13 -20.09
N GLY A 209 -17.62 14.30 -20.65
CA GLY A 209 -18.85 14.52 -21.37
C GLY A 209 -20.03 14.85 -20.50
N MET A 210 -19.77 15.06 -19.21
CA MET A 210 -20.85 15.31 -18.29
C MET A 210 -20.74 16.67 -17.63
N VAL A 211 -21.83 17.42 -17.67
CA VAL A 211 -21.85 18.70 -17.00
C VAL A 211 -22.10 18.49 -15.51
N ASN A 212 -21.80 19.50 -14.71
CA ASN A 212 -21.89 19.36 -13.26
C ASN A 212 -23.22 18.76 -12.81
N ARG A 213 -24.35 19.26 -13.35
CA ARG A 213 -25.66 18.83 -12.86
C ARG A 213 -25.91 17.35 -13.11
N GLU A 214 -25.46 16.84 -14.25
CA GLU A 214 -25.66 15.42 -14.50
C GLU A 214 -24.71 14.57 -13.66
N VAL A 215 -23.55 15.12 -13.29
CA VAL A 215 -22.64 14.37 -12.42
C VAL A 215 -23.24 14.22 -11.03
N LEU A 216 -23.72 15.32 -10.44
CA LEU A 216 -24.37 15.24 -9.15
C LEU A 216 -25.62 14.37 -9.20
N ASP A 217 -26.39 14.43 -10.29
CA ASP A 217 -27.59 13.60 -10.36
C ASP A 217 -27.24 12.12 -10.46
N GLN A 218 -26.26 11.77 -11.28
CA GLN A 218 -25.90 10.37 -11.48
C GLN A 218 -25.15 9.79 -10.28
N VAL A 219 -24.28 10.60 -9.66
CA VAL A 219 -23.48 10.11 -8.55
C VAL A 219 -24.37 9.85 -7.32
N GLU A 220 -25.41 10.67 -7.14
CA GLU A 220 -26.40 10.40 -6.09
C GLU A 220 -27.12 9.07 -6.33
N ARG A 221 -27.35 8.71 -7.59
CA ARG A 221 -27.99 7.44 -7.94
C ARG A 221 -27.03 6.28 -7.98
N GLY A 222 -25.77 6.47 -7.56
CA GLY A 222 -24.81 5.38 -7.46
C GLY A 222 -23.82 5.24 -8.60
N TYR A 223 -23.87 6.10 -9.61
CA TYR A 223 -22.89 6.02 -10.68
C TYR A 223 -21.47 6.30 -10.15
N ARG A 224 -20.51 5.50 -10.60
CA ARG A 224 -19.10 5.79 -10.36
C ARG A 224 -18.33 5.63 -11.66
N MET A 225 -17.31 6.47 -11.87
CA MET A 225 -16.47 6.37 -13.07
C MET A 225 -15.94 4.94 -13.23
N PRO A 226 -15.98 4.38 -14.40
CA PRO A 226 -15.41 3.03 -14.61
C PRO A 226 -13.89 3.05 -14.53
N CYS A 227 -13.28 1.88 -14.69
CA CYS A 227 -11.82 1.72 -14.74
C CYS A 227 -11.23 2.37 -15.99
N PRO A 228 -10.30 3.31 -15.86
CA PRO A 228 -9.68 3.91 -17.04
C PRO A 228 -8.91 2.89 -17.84
N PRO A 229 -8.81 3.06 -19.16
CA PRO A 229 -8.14 2.07 -20.01
C PRO A 229 -6.70 1.81 -19.57
N GLU A 230 -6.34 0.53 -19.49
CA GLU A 230 -5.02 0.08 -19.08
C GLU A 230 -4.78 0.23 -17.59
N CYS A 231 -5.74 0.74 -16.83
CA CYS A 231 -5.54 0.86 -15.39
C CYS A 231 -5.88 -0.48 -14.73
N PRO A 232 -4.98 -1.03 -13.91
CA PRO A 232 -5.31 -2.29 -13.20
C PRO A 232 -6.56 -2.14 -12.35
N GLU A 233 -7.36 -3.22 -12.33
CA GLU A 233 -8.61 -3.23 -11.57
C GLU A 233 -8.39 -2.93 -10.09
N SER A 234 -7.25 -3.37 -9.55
CA SER A 234 -6.92 -3.15 -8.15
C SER A 234 -6.70 -1.67 -7.84
N LEU A 235 -6.25 -0.88 -8.81
CA LEU A 235 -6.20 0.56 -8.61
C LEU A 235 -7.59 1.18 -8.70
N HIS A 236 -8.44 0.66 -9.58
CA HIS A 236 -9.81 1.15 -9.64
C HIS A 236 -10.56 0.74 -8.37
N ASP A 237 -10.27 -0.45 -7.84
CA ASP A 237 -10.92 -0.88 -6.61
C ASP A 237 -10.64 0.12 -5.51
N LEU A 238 -9.42 0.65 -5.47
CA LEU A 238 -9.07 1.65 -4.48
C LEU A 238 -9.88 2.94 -4.67
N MET A 239 -10.14 3.31 -5.92
CA MET A 239 -10.94 4.50 -6.17
C MET A 239 -12.36 4.32 -5.67
N CYS A 240 -12.98 3.18 -6.02
CA CYS A 240 -14.33 2.85 -5.53
C CYS A 240 -14.41 2.88 -4.01
N GLN A 241 -13.37 2.39 -3.33
CA GLN A 241 -13.34 2.51 -1.88
C GLN A 241 -13.39 3.97 -1.45
N CYS A 242 -12.67 4.84 -2.14
CA CYS A 242 -12.69 6.27 -1.86
C CYS A 242 -14.05 6.88 -2.14
N TRP A 243 -14.85 6.27 -3.03
CA TRP A 243 -16.12 6.85 -3.41
C TRP A 243 -17.32 6.14 -2.76
N ARG A 244 -17.12 5.43 -1.66
CA ARG A 244 -18.25 4.86 -0.94
C ARG A 244 -19.13 5.97 -0.41
N LYS A 245 -20.45 5.75 -0.49
CA LYS A 245 -21.38 6.78 -0.04
C LYS A 245 -21.14 7.13 1.42
N GLU A 246 -20.88 6.13 2.26
CA GLU A 246 -20.69 6.41 3.68
C GLU A 246 -19.31 7.00 3.91
N PRO A 247 -19.21 8.23 4.41
CA PRO A 247 -17.87 8.81 4.62
C PRO A 247 -16.99 8.00 5.56
N GLU A 248 -17.54 7.42 6.63
CA GLU A 248 -16.70 6.64 7.54
C GLU A 248 -16.19 5.34 6.92
N GLU A 249 -16.85 4.83 5.89
CA GLU A 249 -16.42 3.58 5.25
C GLU A 249 -15.22 3.78 4.33
N ARG A 250 -14.88 5.04 4.01
CA ARG A 250 -13.81 5.39 3.11
C ARG A 250 -12.46 5.24 3.83
N PRO A 251 -11.46 4.69 3.17
CA PRO A 251 -10.18 4.44 3.85
C PRO A 251 -9.55 5.74 4.32
N THR A 252 -8.57 5.63 5.19
CA THR A 252 -7.83 6.80 5.61
C THR A 252 -6.66 7.08 4.66
N PHE A 253 -6.08 8.25 4.81
CA PHE A 253 -4.94 8.54 3.97
C PHE A 253 -3.75 7.70 4.37
N GLU A 254 -3.65 7.37 5.67
CA GLU A 254 -2.59 6.49 6.14
C GLU A 254 -2.65 5.15 5.43
N TYR A 255 -3.83 4.53 5.37
CA TYR A 255 -3.99 3.34 4.54
C TYR A 255 -3.64 3.63 3.07
N LEU A 256 -4.12 4.76 2.52
CA LEU A 256 -3.90 5.01 1.10
C LEU A 256 -2.42 5.15 0.82
N GLN A 257 -1.71 5.87 1.70
CA GLN A 257 -0.28 6.04 1.53
C GLN A 257 0.43 4.68 1.47
N ALA A 258 0.13 3.80 2.44
CA ALA A 258 0.85 2.52 2.51
C ALA A 258 0.49 1.61 1.33
N PHE A 259 -0.78 1.59 0.94
CA PHE A 259 -1.16 0.77 -0.20
C PHE A 259 -0.41 1.21 -1.47
N LEU A 260 -0.21 2.52 -1.65
CA LEU A 260 0.35 2.98 -2.93
C LEU A 260 1.89 2.88 -2.93
N GLU A 261 2.54 3.25 -1.83
CA GLU A 261 3.98 3.00 -1.70
C GLU A 261 4.33 1.54 -1.96
N ASP A 262 3.51 0.61 -1.53
CA ASP A 262 3.82 -0.81 -1.68
C ASP A 262 3.12 -1.46 -2.85
N TYR A 263 2.51 -0.67 -3.72
CA TYR A 263 1.69 -1.23 -4.80
C TYR A 263 2.31 -2.29 -5.71
N PHE A 264 3.54 -2.07 -6.16
CA PHE A 264 4.11 -2.99 -7.13
C PHE A 264 4.74 -4.24 -6.52
N THR A 265 4.76 -4.33 -5.21
CA THR A 265 5.25 -5.54 -4.58
C THR A 265 4.10 -6.37 -4.03
N SER A 266 3.20 -5.74 -3.29
CA SER A 266 2.13 -6.46 -2.61
C SER A 266 0.81 -6.62 -3.36
N THR A 267 0.54 -5.72 -4.29
CA THR A 267 -0.74 -5.74 -4.99
C THR A 267 -0.62 -6.10 -6.47
N GLU A 268 0.37 -5.56 -7.15
CA GLU A 268 0.58 -5.87 -8.55
C GLU A 268 2.04 -6.22 -8.82
N PRO A 269 2.49 -7.39 -8.35
CA PRO A 269 3.88 -7.79 -8.55
C PRO A 269 4.18 -8.17 -9.99
N GLN A 270 3.15 -8.45 -10.78
CA GLN A 270 3.36 -8.87 -12.15
C GLN A 270 3.05 -7.77 -13.16
N TYR A 271 3.22 -6.53 -12.75
CA TYR A 271 2.98 -5.40 -13.65
C TYR A 271 3.91 -5.39 -14.83
N GLN A 272 3.38 -5.01 -15.97
CA GLN A 272 4.21 -4.89 -17.17
C GLN A 272 3.78 -3.63 -17.90
N PRO A 273 4.75 -2.81 -18.29
CA PRO A 273 4.34 -1.54 -18.90
C PRO A 273 3.53 -1.78 -20.17
N GLY A 274 2.44 -1.05 -20.33
CA GLY A 274 1.63 -1.19 -21.51
C GLY A 274 1.91 -0.11 -22.53
N GLU A 275 0.97 0.15 -23.41
CA GLU A 275 1.18 1.13 -24.45
C GLU A 275 1.18 2.57 -23.97
N ASN A 276 0.19 2.96 -23.20
CA ASN A 276 0.10 4.37 -22.83
C ASN A 276 0.34 4.68 -21.37
N LEU A 277 0.23 3.71 -20.50
CA LEU A 277 0.38 4.04 -19.10
C LEU A 277 1.83 4.38 -18.84
N LYS B 1 -6.27 -45.51 -12.44
CA LYS B 1 -5.16 -44.92 -11.68
C LYS B 1 -5.43 -44.98 -10.17
N ASP B 2 -5.56 -43.82 -9.52
CA ASP B 2 -5.48 -43.75 -8.06
C ASP B 2 -6.72 -43.07 -7.47
N ALA B 3 -6.93 -43.32 -6.17
CA ALA B 3 -8.16 -42.97 -5.46
C ALA B 3 -8.35 -41.48 -5.23
N TRP B 4 -7.45 -40.65 -5.74
CA TRP B 4 -7.59 -39.21 -5.58
C TRP B 4 -8.34 -38.58 -6.74
N GLU B 5 -8.47 -39.33 -7.83
CA GLU B 5 -9.09 -38.77 -9.03
C GLU B 5 -10.59 -38.61 -8.87
N ILE B 6 -11.13 -37.55 -9.46
CA ILE B 6 -12.57 -37.29 -9.37
C ILE B 6 -13.10 -36.89 -10.75
N PRO B 7 -14.38 -37.17 -11.00
CA PRO B 7 -14.95 -36.79 -12.30
C PRO B 7 -15.02 -35.28 -12.45
N ARG B 8 -14.83 -34.82 -13.69
CA ARG B 8 -14.86 -33.40 -13.97
C ARG B 8 -16.22 -32.78 -13.64
N GLU B 9 -17.29 -33.58 -13.67
CA GLU B 9 -18.64 -33.05 -13.45
C GLU B 9 -18.89 -32.69 -11.99
N SER B 10 -18.14 -33.29 -11.08
CA SER B 10 -18.35 -33.05 -9.66
C SER B 10 -17.81 -31.69 -9.21
N LEU B 11 -17.28 -30.92 -10.14
CA LEU B 11 -16.69 -29.64 -9.79
C LEU B 11 -17.42 -28.46 -10.36
N ARG B 12 -17.66 -27.46 -9.54
CA ARG B 12 -18.33 -26.26 -10.00
C ARG B 12 -17.51 -25.04 -9.70
N LEU B 13 -16.89 -24.47 -10.72
CA LEU B 13 -16.09 -23.28 -10.53
C LEU B 13 -17.04 -22.11 -10.52
N GLU B 14 -17.11 -21.40 -9.39
CA GLU B 14 -18.07 -20.32 -9.26
C GLU B 14 -17.44 -18.95 -9.38
N VAL B 15 -16.50 -18.64 -8.49
CA VAL B 15 -15.86 -17.34 -8.49
C VAL B 15 -14.37 -17.43 -8.71
N LYS B 16 -13.84 -16.56 -9.55
CA LYS B 16 -12.41 -16.55 -9.80
C LYS B 16 -11.70 -15.71 -8.77
N LEU B 17 -10.59 -16.21 -8.24
CA LEU B 17 -9.86 -15.49 -7.21
C LEU B 17 -8.47 -15.07 -7.65
N GLY B 18 -7.95 -15.71 -8.69
CA GLY B 18 -6.65 -15.35 -9.19
C GLY B 18 -6.26 -16.00 -10.48
N GLN B 19 -5.26 -15.43 -11.15
CA GLN B 19 -4.77 -16.02 -12.38
C GLN B 19 -3.32 -15.63 -12.64
N GLY B 20 -2.54 -16.54 -13.20
CA GLY B 20 -1.15 -16.26 -13.49
C GLY B 20 -0.84 -16.64 -14.92
N CYS B 21 0.42 -16.88 -15.21
CA CYS B 21 0.81 -17.29 -16.55
C CYS B 21 0.78 -18.79 -16.65
N PHE B 22 0.37 -19.44 -15.58
CA PHE B 22 0.38 -20.89 -15.56
C PHE B 22 -0.99 -21.46 -15.31
N GLY B 23 -1.87 -20.65 -14.72
CA GLY B 23 -3.18 -21.16 -14.39
C GLY B 23 -3.99 -20.21 -13.57
N GLU B 24 -5.04 -20.71 -12.93
CA GLU B 24 -5.91 -19.80 -12.20
C GLU B 24 -6.47 -20.53 -10.99
N VAL B 25 -7.07 -19.77 -10.10
CA VAL B 25 -7.62 -20.27 -8.85
C VAL B 25 -9.07 -19.82 -8.75
N TRP B 26 -9.96 -20.74 -8.40
CA TRP B 26 -11.36 -20.43 -8.27
C TRP B 26 -11.92 -20.94 -6.98
N MET B 27 -13.08 -20.44 -6.59
CA MET B 27 -13.75 -20.96 -5.42
C MET B 27 -14.98 -21.62 -5.95
N GLY B 28 -15.20 -22.86 -5.57
CA GLY B 28 -16.35 -23.58 -6.07
C GLY B 28 -16.89 -24.65 -5.17
N THR B 29 -17.56 -25.63 -5.77
CA THR B 29 -18.15 -26.68 -4.99
C THR B 29 -17.76 -28.04 -5.55
N TRP B 30 -17.64 -29.03 -4.68
CA TRP B 30 -17.25 -30.36 -5.09
C TRP B 30 -18.32 -31.30 -4.60
N ASN B 31 -18.93 -32.04 -5.52
CA ASN B 31 -20.00 -32.96 -5.19
C ASN B 31 -21.21 -32.20 -4.68
N GLY B 32 -21.39 -30.97 -5.13
CA GLY B 32 -22.56 -30.20 -4.76
C GLY B 32 -22.71 -29.94 -3.28
N THR B 33 -21.72 -30.34 -2.50
CA THR B 33 -21.82 -30.17 -1.06
C THR B 33 -20.64 -29.46 -0.43
N THR B 34 -19.44 -29.69 -0.95
CA THR B 34 -18.25 -29.15 -0.31
C THR B 34 -17.62 -27.94 -0.96
N ARG B 35 -17.51 -26.85 -0.21
CA ARG B 35 -16.81 -25.68 -0.73
C ARG B 35 -15.33 -26.01 -0.80
N VAL B 36 -14.68 -25.58 -1.87
CA VAL B 36 -13.29 -25.94 -2.14
C VAL B 36 -12.65 -24.85 -2.99
N ALA B 37 -11.33 -24.87 -3.05
CA ALA B 37 -10.56 -24.06 -3.99
C ALA B 37 -10.10 -24.97 -5.13
N ILE B 38 -10.27 -24.50 -6.36
CA ILE B 38 -9.89 -25.28 -7.54
C ILE B 38 -8.76 -24.55 -8.25
N LYS B 39 -7.64 -25.24 -8.43
CA LYS B 39 -6.55 -24.65 -9.16
C LYS B 39 -6.47 -25.27 -10.54
N THR B 40 -6.54 -24.44 -11.56
CA THR B 40 -6.47 -24.92 -12.92
C THR B 40 -5.13 -24.58 -13.51
N LEU B 41 -4.59 -25.48 -14.33
CA LEU B 41 -3.28 -25.27 -14.90
C LEU B 41 -3.38 -25.11 -16.41
N ALA B 55 4.86 -33.14 -7.68
CA ALA B 55 4.08 -32.33 -6.74
C ALA B 55 2.99 -33.16 -6.10
N GLN B 56 2.85 -34.40 -6.54
CA GLN B 56 1.86 -35.27 -5.93
C GLN B 56 2.17 -35.49 -4.46
N VAL B 57 3.37 -35.11 -4.03
CA VAL B 57 3.75 -35.24 -2.63
C VAL B 57 2.67 -34.68 -1.73
N MET B 58 1.86 -33.79 -2.27
CA MET B 58 0.75 -33.25 -1.51
C MET B 58 -0.10 -34.39 -1.00
N LYS B 59 -0.07 -35.52 -1.70
CA LYS B 59 -0.80 -36.68 -1.25
C LYS B 59 -0.15 -37.31 -0.03
N LYS B 60 1.12 -37.03 0.20
CA LYS B 60 1.81 -37.57 1.35
C LYS B 60 1.76 -36.62 2.53
N LEU B 61 2.17 -35.38 2.31
CA LEU B 61 2.20 -34.40 3.39
C LEU B 61 0.83 -34.16 3.99
N ARG B 62 0.75 -34.18 5.31
CA ARG B 62 -0.53 -33.96 5.98
C ARG B 62 -0.34 -33.32 7.34
N HIS B 63 -0.92 -32.14 7.53
CA HIS B 63 -0.78 -31.41 8.78
C HIS B 63 -1.85 -30.35 8.85
N GLU B 64 -2.32 -30.04 10.04
CA GLU B 64 -3.40 -29.07 10.21
C GLU B 64 -3.03 -27.65 9.80
N LYS B 65 -1.75 -27.36 9.72
CA LYS B 65 -1.31 -26.02 9.32
C LYS B 65 -0.83 -26.06 7.88
N LEU B 66 -1.08 -27.15 7.18
CA LEU B 66 -0.76 -27.20 5.77
C LEU B 66 -2.06 -27.33 4.99
N VAL B 67 -2.19 -26.56 3.90
CA VAL B 67 -3.42 -26.64 3.10
C VAL B 67 -3.56 -28.06 2.56
N GLN B 68 -4.71 -28.69 2.81
CA GLN B 68 -4.91 -30.09 2.49
C GLN B 68 -5.36 -30.26 1.04
N LEU B 69 -4.79 -31.24 0.35
CA LEU B 69 -5.25 -31.56 -0.99
C LEU B 69 -6.45 -32.45 -0.84
N TYR B 70 -7.50 -32.19 -1.62
CA TYR B 70 -8.70 -32.99 -1.54
C TYR B 70 -8.80 -33.98 -2.69
N ALA B 71 -8.42 -33.56 -3.88
CA ALA B 71 -8.52 -34.42 -5.04
C ALA B 71 -7.93 -33.76 -6.27
N VAL B 72 -7.83 -34.51 -7.36
CA VAL B 72 -7.27 -33.99 -8.58
C VAL B 72 -7.72 -34.62 -9.88
N VAL B 73 -7.60 -33.90 -10.98
CA VAL B 73 -7.89 -34.49 -12.29
C VAL B 73 -6.54 -34.54 -13.00
N SER B 74 -5.89 -35.70 -12.96
CA SER B 74 -4.52 -35.84 -13.45
C SER B 74 -4.38 -35.58 -14.94
N GLU B 75 -5.49 -35.59 -15.70
CA GLU B 75 -5.41 -35.50 -17.15
C GLU B 75 -5.70 -34.07 -17.58
N GLU B 76 -5.04 -33.66 -18.65
CA GLU B 76 -5.12 -32.27 -19.09
C GLU B 76 -6.44 -32.02 -19.82
N PRO B 77 -7.15 -30.92 -19.54
CA PRO B 77 -6.84 -29.84 -18.59
C PRO B 77 -6.76 -30.28 -17.13
N ILE B 78 -5.65 -30.00 -16.47
CA ILE B 78 -5.43 -30.41 -15.07
C ILE B 78 -6.27 -29.55 -14.13
N TYR B 79 -6.73 -30.16 -13.05
CA TYR B 79 -7.49 -29.47 -12.00
C TYR B 79 -7.04 -30.00 -10.65
N ILE B 80 -6.70 -29.09 -9.74
CA ILE B 80 -6.30 -29.44 -8.38
C ILE B 80 -7.33 -28.90 -7.40
N VAL B 81 -7.85 -29.77 -6.54
CA VAL B 81 -8.90 -29.44 -5.58
C VAL B 81 -8.32 -29.52 -4.16
N THR B 82 -8.29 -28.39 -3.46
CA THR B 82 -7.72 -28.30 -2.13
C THR B 82 -8.75 -27.70 -1.18
N GLU B 83 -8.46 -27.71 0.12
CA GLU B 83 -9.37 -27.07 1.05
C GLU B 83 -9.40 -25.56 0.78
N TYR B 84 -10.55 -24.96 1.04
CA TYR B 84 -10.79 -23.56 0.76
C TYR B 84 -10.43 -22.71 1.98
N MET B 85 -9.59 -21.71 1.79
CA MET B 85 -9.24 -20.77 2.84
C MET B 85 -9.88 -19.43 2.52
N SER B 86 -10.85 -19.04 3.34
CA SER B 86 -11.84 -18.04 3.01
C SER B 86 -11.33 -16.61 3.12
N LYS B 87 -10.28 -16.36 3.91
CA LYS B 87 -9.75 -15.02 4.02
C LYS B 87 -8.61 -14.77 3.04
N GLY B 88 -8.38 -15.68 2.11
CA GLY B 88 -7.34 -15.43 1.14
C GLY B 88 -5.95 -15.37 1.76
N SER B 89 -5.07 -14.69 1.03
CA SER B 89 -3.67 -14.58 1.40
C SER B 89 -3.49 -13.81 2.70
N LEU B 90 -2.49 -14.22 3.48
CA LEU B 90 -2.19 -13.52 4.73
C LEU B 90 -1.80 -12.07 4.47
N LEU B 91 -1.07 -11.82 3.39
CA LEU B 91 -0.72 -10.45 3.04
C LEU B 91 -1.96 -9.61 2.73
N ASP B 92 -2.87 -10.14 1.90
CA ASP B 92 -4.13 -9.45 1.68
C ASP B 92 -4.90 -9.26 2.99
N PHE B 93 -4.89 -10.28 3.86
CA PHE B 93 -5.62 -10.16 5.11
C PHE B 93 -5.06 -9.02 5.96
N LEU B 94 -3.74 -8.98 6.11
CA LEU B 94 -3.14 -7.95 6.96
C LEU B 94 -3.43 -6.55 6.42
N LYS B 95 -3.39 -6.40 5.09
CA LYS B 95 -3.63 -5.11 4.46
C LYS B 95 -5.10 -4.79 4.29
N GLY B 96 -5.96 -5.69 4.73
CA GLY B 96 -7.39 -5.47 4.64
C GLY B 96 -8.00 -4.69 5.78
N GLU B 97 -9.32 -4.56 5.76
CA GLU B 97 -10.02 -3.80 6.79
C GLU B 97 -9.88 -4.42 8.16
N THR B 98 -9.94 -5.72 8.22
CA THR B 98 -9.78 -6.40 9.48
C THR B 98 -8.36 -6.24 9.99
N GLY B 99 -7.40 -6.16 9.08
CA GLY B 99 -6.03 -6.11 9.53
C GLY B 99 -5.76 -4.96 10.48
N LYS B 100 -6.49 -3.86 10.35
CA LYS B 100 -6.25 -2.71 11.20
C LYS B 100 -6.56 -3.01 12.66
N TYR B 101 -7.40 -4.01 12.93
CA TYR B 101 -7.69 -4.29 14.33
C TYR B 101 -6.79 -5.36 14.94
N LEU B 102 -6.04 -6.11 14.13
CA LEU B 102 -5.11 -7.07 14.68
C LEU B 102 -4.17 -6.42 15.68
N ARG B 103 -3.92 -7.12 16.78
CA ARG B 103 -2.97 -6.65 17.75
C ARG B 103 -1.90 -7.72 17.96
N LEU B 104 -0.86 -7.36 18.71
CA LEU B 104 0.24 -8.29 18.92
C LEU B 104 -0.18 -9.69 19.33
N PRO B 105 -1.15 -9.90 20.24
CA PRO B 105 -1.52 -11.28 20.57
C PRO B 105 -2.03 -12.05 19.36
N GLN B 106 -2.79 -11.44 18.46
CA GLN B 106 -3.26 -12.23 17.30
C GLN B 106 -2.16 -12.42 16.26
N LEU B 107 -1.26 -11.44 16.08
CA LEU B 107 -0.15 -11.58 15.14
C LEU B 107 0.88 -12.60 15.65
N VAL B 108 1.17 -12.59 16.95
CA VAL B 108 2.09 -13.60 17.50
C VAL B 108 1.49 -14.99 17.35
N ASP B 109 0.17 -15.11 17.51
CA ASP B 109 -0.46 -16.42 17.38
C ASP B 109 -0.49 -16.93 15.94
N MET B 110 -0.72 -16.04 14.96
CA MET B 110 -0.58 -16.46 13.57
C MET B 110 0.85 -16.88 13.26
N ALA B 111 1.83 -16.18 13.84
CA ALA B 111 3.22 -16.56 13.60
C ALA B 111 3.50 -17.96 14.11
N ALA B 112 2.93 -18.30 15.28
CA ALA B 112 3.12 -19.62 15.87
C ALA B 112 2.53 -20.72 15.00
N GLN B 113 1.40 -20.46 14.37
CA GLN B 113 0.79 -21.44 13.47
C GLN B 113 1.66 -21.68 12.24
N ILE B 114 2.24 -20.62 11.68
CA ILE B 114 3.11 -20.79 10.52
C ILE B 114 4.37 -21.55 10.92
N ALA B 115 4.96 -21.19 12.07
CA ALA B 115 6.10 -21.94 12.59
C ALA B 115 5.77 -23.41 12.76
N SER B 116 4.56 -23.70 13.25
CA SER B 116 4.13 -25.08 13.44
C SER B 116 3.99 -25.82 12.12
N GLY B 117 3.42 -25.18 11.11
CA GLY B 117 3.44 -25.81 9.80
C GLY B 117 4.86 -26.03 9.30
N MET B 118 5.73 -25.04 9.52
CA MET B 118 7.09 -25.16 9.03
C MET B 118 7.88 -26.19 9.83
N ALA B 119 7.57 -26.35 11.11
CA ALA B 119 8.19 -27.44 11.89
C ALA B 119 7.89 -28.80 11.27
N TYR B 120 6.65 -29.01 10.84
CA TYR B 120 6.35 -30.28 10.17
C TYR B 120 7.13 -30.42 8.86
N VAL B 121 7.13 -29.38 8.04
CA VAL B 121 7.98 -29.38 6.85
C VAL B 121 9.42 -29.72 7.22
N GLU B 122 9.88 -29.17 8.35
CA GLU B 122 11.27 -29.33 8.76
C GLU B 122 11.57 -30.79 9.12
N ARG B 123 10.68 -31.44 9.86
CA ARG B 123 10.94 -32.81 10.28
C ARG B 123 10.62 -33.81 9.19
N MET B 124 9.98 -33.36 8.12
CA MET B 124 9.71 -34.24 7.00
C MET B 124 10.86 -34.16 6.00
N ASN B 125 11.84 -33.31 6.27
CA ASN B 125 13.01 -33.18 5.40
C ASN B 125 12.75 -32.40 4.12
N TYR B 126 11.80 -31.49 4.15
CA TYR B 126 11.55 -30.68 2.97
C TYR B 126 11.90 -29.21 3.19
N VAL B 127 11.97 -28.45 2.11
CA VAL B 127 12.25 -27.03 2.19
C VAL B 127 11.20 -26.29 1.37
N HIS B 128 10.76 -25.13 1.89
CA HIS B 128 9.78 -24.30 1.19
C HIS B 128 10.55 -23.10 0.73
N ARG B 129 10.93 -23.04 -0.51
CA ARG B 129 11.81 -21.96 -0.95
C ARG B 129 11.25 -20.52 -0.97
N ASP B 130 9.95 -20.34 -0.82
CA ASP B 130 9.37 -19.01 -0.88
C ASP B 130 8.41 -18.73 0.26
N LEU B 131 8.91 -18.72 1.47
CA LEU B 131 8.08 -18.43 2.62
C LEU B 131 7.92 -16.93 2.77
N ARG B 132 6.69 -16.47 2.71
CA ARG B 132 6.40 -15.06 2.88
C ARG B 132 4.91 -14.90 3.10
N ALA B 133 4.51 -13.81 3.71
CA ALA B 133 3.08 -13.63 4.02
C ALA B 133 2.19 -13.89 2.81
N ALA B 134 2.67 -13.55 1.61
CA ALA B 134 1.87 -13.75 0.40
C ALA B 134 1.55 -15.21 0.14
N ASN B 135 2.34 -16.14 0.68
CA ASN B 135 2.18 -17.56 0.41
C ASN B 135 1.57 -18.31 1.62
N ILE B 136 1.10 -17.59 2.65
CA ILE B 136 0.29 -18.15 3.73
C ILE B 136 -1.17 -17.84 3.47
N LEU B 137 -2.05 -18.78 3.78
CA LEU B 137 -3.48 -18.60 3.61
C LEU B 137 -4.17 -18.51 4.97
N VAL B 138 -5.18 -17.67 5.04
CA VAL B 138 -5.94 -17.44 6.27
C VAL B 138 -7.35 -17.96 6.09
N GLY B 139 -7.91 -18.50 7.16
CA GLY B 139 -9.26 -18.99 7.12
C GLY B 139 -10.08 -18.25 8.17
N GLU B 140 -11.13 -18.88 8.66
CA GLU B 140 -11.88 -18.32 9.76
C GLU B 140 -11.06 -18.46 11.04
N ASN B 141 -11.46 -17.74 12.08
CA ASN B 141 -10.86 -17.97 13.39
C ASN B 141 -9.37 -17.70 13.41
N LEU B 142 -8.90 -16.89 12.46
CA LEU B 142 -7.48 -16.55 12.31
C LEU B 142 -6.63 -17.80 12.11
N VAL B 143 -7.19 -18.84 11.49
CA VAL B 143 -6.35 -19.97 11.12
C VAL B 143 -5.45 -19.57 9.95
N CYS B 144 -4.16 -19.88 10.05
CA CYS B 144 -3.14 -19.64 9.04
C CYS B 144 -2.56 -20.98 8.62
N LYS B 145 -2.33 -21.15 7.33
CA LYS B 145 -1.74 -22.39 6.86
C LYS B 145 -0.77 -22.11 5.74
N VAL B 146 0.26 -22.94 5.67
CA VAL B 146 1.18 -22.95 4.55
C VAL B 146 0.50 -23.64 3.38
N ALA B 147 0.73 -23.14 2.18
CA ALA B 147 0.13 -23.73 1.00
C ALA B 147 1.25 -23.96 0.00
N ASP B 148 1.01 -24.87 -0.95
CA ASP B 148 1.95 -25.09 -2.05
C ASP B 148 1.21 -25.34 -3.36
N PRO B 169 11.73 -12.03 -5.25
CA PRO B 169 11.42 -12.15 -3.82
C PRO B 169 12.68 -12.05 -2.98
N ILE B 170 13.68 -11.33 -3.49
CA ILE B 170 14.99 -11.29 -2.84
C ILE B 170 14.90 -10.74 -1.44
N LYS B 171 13.92 -9.86 -1.17
CA LYS B 171 13.87 -9.24 0.14
C LYS B 171 13.53 -10.25 1.23
N TRP B 172 12.99 -11.42 0.87
CA TRP B 172 12.62 -12.49 1.79
C TRP B 172 13.59 -13.66 1.81
N THR B 173 14.63 -13.59 0.99
CA THR B 173 15.55 -14.71 0.84
C THR B 173 16.85 -14.51 1.57
N ALA B 174 17.30 -15.56 2.25
CA ALA B 174 18.56 -15.49 2.94
C ALA B 174 19.69 -15.28 1.95
N PRO B 175 20.71 -14.52 2.35
CA PRO B 175 21.80 -14.19 1.43
C PRO B 175 22.42 -15.39 0.74
N GLU B 176 22.72 -16.43 1.49
CA GLU B 176 23.34 -17.60 0.91
C GLU B 176 22.43 -18.21 -0.12
N ALA B 177 21.13 -18.00 0.05
CA ALA B 177 20.20 -18.59 -0.89
C ALA B 177 20.10 -17.75 -2.14
N ALA B 178 20.13 -16.43 -1.99
CA ALA B 178 19.96 -15.49 -3.10
C ALA B 178 21.18 -15.37 -3.98
N LEU B 179 22.35 -15.70 -3.44
CA LEU B 179 23.62 -15.58 -4.14
C LEU B 179 24.14 -16.92 -4.66
N TYR B 180 24.01 -17.97 -3.87
CA TYR B 180 24.67 -19.23 -4.14
C TYR B 180 23.69 -20.37 -4.38
N GLY B 181 22.39 -20.07 -4.48
CA GLY B 181 21.39 -21.12 -4.55
C GLY B 181 21.44 -22.09 -3.39
N ARG B 182 21.88 -21.66 -2.21
CA ARG B 182 21.96 -22.55 -1.04
C ARG B 182 20.67 -22.47 -0.22
N PHE B 183 19.65 -23.18 -0.69
CA PHE B 183 18.37 -23.25 -0.01
C PHE B 183 18.37 -24.38 1.01
N THR B 184 17.96 -24.08 2.25
CA THR B 184 17.73 -25.11 3.26
C THR B 184 16.61 -24.64 4.19
N ILE B 185 16.22 -25.53 5.13
CA ILE B 185 15.25 -25.15 6.13
C ILE B 185 15.73 -23.88 6.81
N LYS B 186 17.04 -23.65 6.80
CA LYS B 186 17.64 -22.49 7.45
C LYS B 186 17.51 -21.22 6.62
N SER B 187 17.38 -21.33 5.30
CA SER B 187 16.99 -20.13 4.57
C SER B 187 15.50 -19.86 4.78
N ASP B 188 14.71 -20.92 5.00
CA ASP B 188 13.32 -20.74 5.42
C ASP B 188 13.24 -19.99 6.76
N VAL B 189 14.15 -20.28 7.68
CA VAL B 189 14.10 -19.57 8.96
C VAL B 189 14.36 -18.10 8.74
N TRP B 190 15.26 -17.77 7.80
CA TRP B 190 15.54 -16.37 7.49
C TRP B 190 14.30 -15.66 7.01
N SER B 191 13.54 -16.32 6.15
CA SER B 191 12.32 -15.74 5.61
C SER B 191 11.27 -15.58 6.68
N PHE B 192 11.27 -16.50 7.64
CA PHE B 192 10.34 -16.41 8.74
C PHE B 192 10.55 -15.13 9.51
N GLY B 193 11.82 -14.80 9.82
CA GLY B 193 12.10 -13.53 10.46
C GLY B 193 11.55 -12.34 9.69
N ILE B 194 11.75 -12.33 8.35
CA ILE B 194 11.21 -11.26 7.53
C ILE B 194 9.68 -11.25 7.61
N LEU B 195 9.09 -12.44 7.54
CA LEU B 195 7.64 -12.55 7.64
C LEU B 195 7.13 -12.07 9.00
N LEU B 196 7.95 -12.14 10.04
CA LEU B 196 7.58 -11.53 11.32
C LEU B 196 7.53 -10.02 11.23
N THR B 197 8.41 -9.40 10.43
CA THR B 197 8.30 -7.96 10.24
C THR B 197 7.04 -7.59 9.45
N GLU B 198 6.61 -8.45 8.53
CA GLU B 198 5.35 -8.24 7.85
C GLU B 198 4.19 -8.30 8.84
N LEU B 199 4.23 -9.26 9.78
CA LEU B 199 3.15 -9.31 10.75
C LEU B 199 3.15 -8.08 11.64
N THR B 200 4.34 -7.66 12.13
CA THR B 200 4.33 -6.55 13.08
C THR B 200 4.14 -5.19 12.45
N THR B 201 4.36 -5.03 11.14
CA THR B 201 3.99 -3.80 10.44
C THR B 201 2.63 -3.93 9.76
N LYS B 202 1.96 -5.06 9.95
CA LYS B 202 0.65 -5.30 9.35
C LYS B 202 0.73 -5.18 7.82
N GLY B 203 1.71 -5.86 7.26
CA GLY B 203 1.74 -6.10 5.83
C GLY B 203 2.68 -5.26 5.02
N ARG B 204 3.41 -4.32 5.62
CA ARG B 204 4.30 -3.46 4.86
C ARG B 204 5.43 -4.27 4.23
N VAL B 205 5.89 -3.82 3.07
CA VAL B 205 7.00 -4.46 2.41
C VAL B 205 8.27 -4.28 3.22
N PRO B 206 9.10 -5.33 3.29
CA PRO B 206 10.34 -5.26 4.06
C PRO B 206 11.35 -4.27 3.49
N TYR B 207 12.27 -3.81 4.34
CA TYR B 207 13.31 -2.87 3.89
C TYR B 207 12.70 -1.68 3.18
N PRO B 208 11.88 -0.91 3.89
CA PRO B 208 11.18 0.21 3.24
C PRO B 208 12.05 1.21 2.47
N GLY B 209 11.73 1.48 1.21
CA GLY B 209 12.45 2.47 0.44
C GLY B 209 13.67 1.96 -0.26
N MET B 210 14.07 0.71 -0.04
CA MET B 210 15.27 0.13 -0.62
C MET B 210 14.89 -0.76 -1.77
N VAL B 211 15.63 -0.66 -2.85
CA VAL B 211 15.46 -1.56 -3.98
C VAL B 211 16.25 -2.84 -3.71
N ASN B 212 15.89 -3.89 -4.43
CA ASN B 212 16.50 -5.19 -4.21
C ASN B 212 18.02 -5.07 -4.14
N ARG B 213 18.62 -4.30 -5.03
CA ARG B 213 20.08 -4.22 -5.09
C ARG B 213 20.66 -3.56 -3.84
N GLU B 214 19.99 -2.51 -3.34
CA GLU B 214 20.48 -1.89 -2.11
C GLU B 214 20.27 -2.80 -0.90
N VAL B 215 19.29 -3.70 -0.97
CA VAL B 215 19.06 -4.59 0.17
C VAL B 215 20.15 -5.65 0.25
N LEU B 216 20.35 -6.39 -0.83
CA LEU B 216 21.38 -7.44 -0.86
C LEU B 216 22.72 -6.85 -0.50
N ASP B 217 22.85 -5.57 -0.79
CA ASP B 217 24.11 -4.85 -0.64
C ASP B 217 24.35 -4.53 0.85
N GLN B 218 23.35 -3.92 1.51
CA GLN B 218 23.45 -3.55 2.91
C GLN B 218 23.44 -4.77 3.83
N VAL B 219 22.61 -5.77 3.50
CA VAL B 219 22.48 -6.96 4.33
C VAL B 219 23.79 -7.74 4.34
N GLU B 220 24.47 -7.78 3.20
CA GLU B 220 25.81 -8.34 3.11
C GLU B 220 26.79 -7.62 4.01
N ARG B 221 26.65 -6.30 4.14
CA ARG B 221 27.49 -5.53 5.04
C ARG B 221 27.04 -5.62 6.48
N GLY B 222 26.02 -6.44 6.77
CA GLY B 222 25.56 -6.67 8.13
C GLY B 222 24.31 -5.90 8.53
N TYR B 223 23.75 -5.09 7.63
CA TYR B 223 22.53 -4.36 7.96
C TYR B 223 21.39 -5.33 8.29
N ARG B 224 20.63 -5.00 9.32
CA ARG B 224 19.38 -5.69 9.62
C ARG B 224 18.31 -4.65 9.90
N MET B 225 17.08 -4.96 9.51
CA MET B 225 15.98 -4.07 9.79
C MET B 225 15.90 -3.76 11.29
N PRO B 226 15.68 -2.50 11.67
CA PRO B 226 15.53 -2.18 13.09
C PRO B 226 14.20 -2.66 13.65
N CYS B 227 13.98 -2.45 14.95
CA CYS B 227 12.73 -2.83 15.59
C CYS B 227 11.55 -1.98 15.11
N PRO B 228 10.51 -2.58 14.56
CA PRO B 228 9.37 -1.79 14.08
C PRO B 228 8.69 -1.08 15.21
N PRO B 229 8.03 0.05 14.93
CA PRO B 229 7.40 0.84 15.99
C PRO B 229 6.39 0.03 16.80
N GLU B 230 6.45 0.18 18.13
CA GLU B 230 5.52 -0.51 19.04
C GLU B 230 5.86 -1.99 19.20
N CYS B 231 6.77 -2.49 18.40
CA CYS B 231 7.10 -3.92 18.50
C CYS B 231 8.03 -4.17 19.69
N PRO B 232 7.70 -5.15 20.55
CA PRO B 232 8.62 -5.42 21.65
C PRO B 232 10.01 -5.82 21.18
N GLU B 233 11.04 -5.33 21.85
CA GLU B 233 12.41 -5.66 21.48
C GLU B 233 12.67 -7.15 21.57
N SER B 234 12.02 -7.81 22.51
CA SER B 234 12.13 -9.24 22.62
C SER B 234 11.74 -9.89 21.32
N LEU B 235 10.72 -9.35 20.69
CA LEU B 235 10.29 -9.87 19.40
C LEU B 235 11.30 -9.54 18.32
N HIS B 236 11.90 -8.38 18.36
CA HIS B 236 12.91 -8.05 17.36
C HIS B 236 14.15 -8.90 17.55
N ASP B 237 14.45 -9.26 18.79
CA ASP B 237 15.60 -10.09 19.04
C ASP B 237 15.43 -11.44 18.39
N LEU B 238 14.22 -11.97 18.41
CA LEU B 238 13.99 -13.23 17.71
C LEU B 238 14.18 -13.06 16.21
N MET B 239 13.85 -11.89 15.66
CA MET B 239 14.10 -11.65 14.24
C MET B 239 15.59 -11.70 13.96
N CYS B 240 16.38 -10.97 14.75
CA CYS B 240 17.83 -10.97 14.61
C CYS B 240 18.43 -12.37 14.74
N GLN B 241 17.82 -13.26 15.52
CA GLN B 241 18.29 -14.65 15.55
C GLN B 241 18.02 -15.34 14.23
N CYS B 242 16.86 -15.07 13.61
CA CYS B 242 16.55 -15.69 12.33
C CYS B 242 17.51 -15.20 11.24
N TRP B 243 18.06 -13.99 11.39
CA TRP B 243 18.89 -13.35 10.38
C TRP B 243 20.39 -13.46 10.69
N ARG B 244 20.78 -14.38 11.57
CA ARG B 244 22.21 -14.58 11.79
C ARG B 244 22.87 -14.98 10.47
N LYS B 245 24.08 -14.46 10.25
CA LYS B 245 24.81 -14.74 9.02
C LYS B 245 25.01 -16.24 8.83
N GLU B 246 25.40 -16.93 9.88
CA GLU B 246 25.66 -18.36 9.80
C GLU B 246 24.35 -19.14 9.86
N PRO B 247 24.00 -19.91 8.84
CA PRO B 247 22.71 -20.64 8.89
C PRO B 247 22.62 -21.61 10.06
N GLU B 248 23.70 -22.35 10.34
CA GLU B 248 23.69 -23.30 11.47
C GLU B 248 23.40 -22.62 12.81
N GLU B 249 23.56 -21.30 12.89
CA GLU B 249 23.26 -20.55 14.11
C GLU B 249 21.78 -20.19 14.23
N ARG B 250 21.01 -20.34 13.19
CA ARG B 250 19.63 -19.89 13.21
C ARG B 250 18.76 -20.90 13.95
N PRO B 251 17.83 -20.45 14.79
CA PRO B 251 17.03 -21.38 15.57
C PRO B 251 16.19 -22.25 14.65
N THR B 252 15.71 -23.35 15.19
CA THR B 252 14.85 -24.21 14.41
C THR B 252 13.40 -23.72 14.43
N PHE B 253 12.60 -24.28 13.53
CA PHE B 253 11.18 -23.92 13.56
C PHE B 253 10.50 -24.46 14.83
N GLU B 254 10.88 -25.66 15.28
CA GLU B 254 10.37 -26.15 16.56
C GLU B 254 10.64 -25.14 17.65
N TYR B 255 11.88 -24.69 17.76
CA TYR B 255 12.19 -23.63 18.70
C TYR B 255 11.27 -22.41 18.50
N LEU B 256 11.13 -21.94 17.26
CA LEU B 256 10.38 -20.69 17.06
C LEU B 256 8.93 -20.86 17.47
N GLN B 257 8.33 -22.01 17.14
CA GLN B 257 6.95 -22.26 17.53
C GLN B 257 6.78 -22.15 19.03
N ALA B 258 7.67 -22.80 19.80
CA ALA B 258 7.52 -22.78 21.26
C ALA B 258 7.71 -21.37 21.80
N PHE B 259 8.69 -20.63 21.31
CA PHE B 259 8.88 -19.26 21.81
C PHE B 259 7.62 -18.41 21.58
N LEU B 260 6.97 -18.59 20.43
CA LEU B 260 5.86 -17.71 20.08
C LEU B 260 4.58 -18.14 20.79
N GLU B 261 4.30 -19.44 20.84
CA GLU B 261 3.17 -19.93 21.64
C GLU B 261 3.24 -19.47 23.10
N ASP B 262 4.44 -19.49 23.72
CA ASP B 262 4.60 -19.14 25.13
C ASP B 262 4.84 -17.64 25.36
N TYR B 263 4.75 -16.84 24.29
CA TYR B 263 5.32 -15.49 24.28
C TYR B 263 4.82 -14.61 25.42
N PHE B 264 3.51 -14.57 25.65
CA PHE B 264 2.98 -13.59 26.58
C PHE B 264 3.03 -14.05 28.03
N THR B 265 3.52 -15.25 28.29
CA THR B 265 3.67 -15.68 29.66
C THR B 265 5.13 -15.70 30.06
N SER B 266 6.00 -16.12 29.15
CA SER B 266 7.41 -16.27 29.48
C SER B 266 8.30 -15.11 29.07
N THR B 267 7.92 -14.37 28.03
CA THR B 267 8.79 -13.32 27.52
C THR B 267 8.26 -11.90 27.75
N GLU B 268 6.99 -11.68 27.46
CA GLU B 268 6.39 -10.36 27.64
C GLU B 268 5.14 -10.43 28.51
N PRO B 269 5.33 -10.82 29.78
CA PRO B 269 4.17 -10.97 30.67
C PRO B 269 3.49 -9.66 30.98
N GLN B 270 4.19 -8.54 30.86
CA GLN B 270 3.64 -7.22 31.17
C GLN B 270 3.15 -6.49 29.92
N TYR B 271 2.95 -7.22 28.82
CA TYR B 271 2.48 -6.57 27.61
C TYR B 271 1.22 -5.77 27.91
N GLN B 272 1.17 -4.57 27.35
CA GLN B 272 0.01 -3.71 27.44
C GLN B 272 -0.28 -3.18 26.03
N PRO B 273 -1.50 -3.32 25.54
CA PRO B 273 -1.79 -2.94 24.16
C PRO B 273 -1.50 -1.46 23.93
N GLY B 274 -0.85 -1.17 22.82
CA GLY B 274 -0.53 0.18 22.42
C GLY B 274 -1.58 0.79 21.52
N GLU B 275 -1.17 1.82 20.77
CA GLU B 275 -2.08 2.51 19.86
C GLU B 275 -2.36 1.68 18.61
N ASN B 276 -1.39 0.89 18.16
CA ASN B 276 -1.54 0.12 16.93
C ASN B 276 -1.26 -1.37 17.12
C01 L1N C . 6.00 32.12 -16.96
C02 L1N C . 7.37 32.01 -17.01
C03 L1N C . 7.94 30.76 -16.78
C05 L1N C . 5.89 29.79 -16.47
C06 L1N C . 5.23 31.00 -16.69
C11 L1N C . 5.61 27.30 -13.71
C12 L1N C . 4.36 27.53 -13.17
C13 L1N C . 4.19 27.61 -11.81
C14 L1N C . 5.30 27.46 -11.00
C15 L1N C . 6.55 27.23 -11.53
C16 L1N C . 6.70 27.15 -12.90
C18 L1N C . 4.31 28.12 -8.94
C19 L1N C . 4.42 28.03 -7.42
C20 L1N C . 5.59 27.81 -6.73
C22 L1N C . 3.97 27.99 -5.26
C23 L1N C . 3.38 28.14 -6.48
C24 L1N C . 1.98 28.36 -6.59
C25 L1N C . 1.20 28.41 -5.46
C26 L1N C . 1.80 28.25 -4.18
C27 L1N C . 3.16 28.04 -4.08
C29 L1N C . -0.47 28.74 -7.00
N04 L1N C . 7.20 29.71 -16.51
N07 L1N C . 5.09 28.62 -16.19
N17 L1N C . 5.18 27.51 -9.57
N21 L1N C . 5.31 27.79 -5.43
N28 L1N C . -0.20 28.64 -5.66
O09 L1N C . 5.12 26.01 -16.03
O10 L1N C . 7.15 26.98 -15.91
O31 L1N C . 6.85 27.67 -7.31
S08 L1N C . 5.76 27.21 -15.51
S30 L1N C . 0.95 28.57 -7.86
H1 L1N C . 5.52 33.07 -17.13
H2 L1N C . 8.00 32.88 -17.22
H3 L1N C . 9.02 30.67 -16.81
H4 L1N C . 4.16 31.04 -16.64
H5 L1N C . 3.50 27.65 -13.83
H6 L1N C . 3.21 27.78 -11.39
H7 L1N C . 7.40 27.11 -10.88
H8 L1N C . 7.69 26.97 -13.32
H9 L1N C . 3.52 28.68 -9.42
H10 L1N C . 1.19 28.30 -3.28
H11 L1N C . 3.61 27.92 -3.10
H12 L1N C . -1.46 28.91 -7.43
H13 L1N C . 4.11 28.65 -16.38
H14 L1N C . 5.97 27.65 -4.69
H15 L1N C . 6.83 26.99 -7.96
C01 L1N D . -14.15 -13.26 -4.84
C02 L1N D . -14.70 -14.16 -3.94
C03 L1N D . -13.97 -14.46 -2.79
C05 L1N D . -12.28 -13.05 -3.41
C06 L1N D . -12.92 -12.69 -4.58
C11 L1N D . -9.69 -14.48 -1.54
C12 L1N D . -8.52 -14.78 -2.20
C13 L1N D . -8.05 -16.08 -2.18
C14 L1N D . -8.76 -17.05 -1.51
C15 L1N D . -9.92 -16.74 -0.84
C16 L1N D . -10.39 -15.45 -0.86
C18 L1N D . -7.57 -18.97 -2.29
C19 L1N D . -7.19 -20.41 -1.96
C20 L1N D . -7.95 -21.21 -1.13
C22 L1N D . -6.20 -22.36 -1.75
C23 L1N D . -6.07 -21.13 -2.36
C24 L1N D . -4.95 -20.85 -3.18
C25 L1N D . -3.98 -21.82 -3.39
C26 L1N D . -4.11 -23.09 -2.78
C27 L1N D . -5.20 -23.36 -1.98
C29 L1N D . -3.04 -20.16 -4.68
N04 L1N D . -12.81 -13.91 -2.55
N07 L1N D . -10.99 -12.46 -3.10
N17 L1N D . -8.27 -18.40 -1.45
N21 L1N D . -7.33 -22.38 -1.02
N28 L1N D . -2.89 -21.45 -4.25
O09 L1N D . -9.23 -11.83 -1.28
O10 L1N D . -11.23 -12.53 -0.50
O31 L1N D . -9.15 -20.83 -0.54
S08 L1N D . -10.30 -12.78 -1.58
S30 L1N D . -4.47 -19.53 -4.04
H1 L1N D . -14.68 -13.01 -5.75
H2 L1N D . -15.65 -14.62 -4.13
H3 L1N D . -14.38 -15.17 -2.08
H4 L1N D . -12.47 -11.98 -5.26
H5 L1N D . -7.98 -14.01 -2.73
H6 L1N D . -7.12 -16.32 -2.70
H7 L1N D . -10.47 -17.51 -0.31
H8 L1N D . -11.32 -15.19 -0.34
H9 L1N D . -7.25 -18.50 -3.21
H10 L1N D . -3.35 -23.84 -2.95
H11 L1N D . -5.29 -24.33 -1.50
H12 L1N D . -2.36 -19.63 -5.33
H13 L1N D . -10.52 -11.90 -3.78
H14 L1N D . -7.67 -23.17 -0.49
H15 L1N D . -8.99 -20.09 0.02
#